data_6SPT
#
_entry.id   6SPT
#
_cell.length_a   45.935
_cell.length_b   45.935
_cell.length_c   63.733
_cell.angle_alpha   90.000
_cell.angle_beta   90.000
_cell.angle_gamma   120.000
#
_symmetry.space_group_name_H-M   'P 32 2 1'
#
loop_
_entity.id
_entity.type
_entity.pdbx_description
1 polymer 'Peroxin 14'
2 non-polymer 5-[(4-methoxynaphthalen-1-yl)methyl]-1-[2-[(2-methyl-1-oxidanyl-propan-2-yl)amino]ethyl]-~{N}-(naphthalen-1-ylmethyl)-6,7-dihydro-4~{H}-pyrazolo[4,3-c]pyridine-3-carboxamide
3 non-polymer BETA-MERCAPTOETHANOL
4 non-polymer 'CHLORIDE ION'
5 water water
#
_entity_poly.entity_id   1
_entity_poly.type   'polypeptide(L)'
_entity_poly.pdbx_seq_one_letter_code
;GAMWHTHSEREKRVSNAVEFLLDSRVRRTPTSSKVHFLKSKGLSAEEICEAFTKVGQPKTLNEIKRILS
;
_entity_poly.pdbx_strand_id   A
#
loop_
_chem_comp.id
_chem_comp.type
_chem_comp.name
_chem_comp.formula
BME non-polymer BETA-MERCAPTOETHANOL 'C2 H6 O S'
CL non-polymer 'CHLORIDE ION' 'Cl -1'
FTW non-polymer 5-[(4-methoxynaphthalen-1-yl)methyl]-1-[2-[(2-methyl-1-oxidanyl-propan-2-yl)amino]ethyl]-~{N}-(naphthalen-1-ylmethyl)-6,7-dihydro-4~{H}-pyrazolo[4,3-c]pyridine-3-carboxamide 'C36 H41 N5 O3'
#
# COMPACT_ATOMS: atom_id res chain seq x y z
CA GLY A 1 -18.30 8.75 -7.27
C GLY A 1 -18.49 7.78 -6.15
N ALA A 2 -17.91 7.99 -4.93
CA ALA A 2 -16.91 8.98 -4.56
C ALA A 2 -15.73 8.88 -5.47
N MET A 3 -15.11 9.99 -5.78
CA MET A 3 -13.95 10.02 -6.58
CA MET A 3 -13.98 9.93 -6.63
C MET A 3 -12.74 9.41 -5.90
N TRP A 4 -11.78 8.93 -6.70
CA TRP A 4 -10.57 8.30 -6.17
C TRP A 4 -9.91 9.07 -5.05
N HIS A 5 -9.80 10.38 -5.18
CA HIS A 5 -9.03 11.19 -4.30
C HIS A 5 -9.68 11.44 -2.93
N THR A 6 -10.95 11.13 -2.78
CA THR A 6 -11.67 11.46 -1.57
C THR A 6 -11.22 10.58 -0.40
N HIS A 7 -11.46 11.08 0.83
CA HIS A 7 -11.02 10.35 1.99
C HIS A 7 -11.70 8.99 2.15
N SER A 8 -12.98 8.91 1.81
CA SER A 8 -13.63 7.59 1.93
C SER A 8 -12.94 6.57 1.03
N GLU A 9 -12.67 6.81 -0.19
N GLU A 9 -12.40 7.04 -0.06
CA GLU A 9 -11.90 5.91 -1.05
CA GLU A 9 -11.85 6.15 -1.09
C GLU A 9 -10.39 5.75 -0.59
C GLU A 9 -10.50 5.77 -0.65
N ARG A 10 -9.74 6.79 -0.20
CA ARG A 10 -8.36 6.58 0.33
C ARG A 10 -8.40 5.63 1.51
N GLU A 11 -9.25 5.85 2.48
N GLU A 11 -9.54 5.58 2.28
CA GLU A 11 -9.29 5.01 3.62
CA GLU A 11 -9.68 4.73 3.46
C GLU A 11 -9.48 3.58 3.33
C GLU A 11 -9.86 3.30 3.09
N LYS A 12 -10.34 3.41 2.38
N LYS A 12 -10.63 3.16 2.11
CA LYS A 12 -10.61 2.03 1.87
CA LYS A 12 -10.85 1.80 1.62
C LYS A 12 -9.36 1.41 1.32
C LYS A 12 -9.55 1.28 1.07
N ARG A 13 -8.75 2.08 0.35
CA ARG A 13 -7.51 1.58 -0.22
C ARG A 13 -6.49 1.17 0.85
N VAL A 14 -6.27 2.10 1.80
CA VAL A 14 -5.23 1.83 2.82
C VAL A 14 -5.66 0.67 3.72
N SER A 15 -6.96 0.62 4.11
N SER A 15 -6.94 0.65 4.12
CA SER A 15 -7.38 -0.47 5.00
CA SER A 15 -7.43 -0.42 4.98
CA SER A 15 -7.36 -0.48 5.07
C SER A 15 -7.34 -1.82 4.29
C SER A 15 -7.26 -1.78 4.30
N ASN A 16 -7.71 -1.82 3.01
CA ASN A 16 -7.60 -3.10 2.28
CA ASN A 16 -7.59 -3.05 2.23
C ASN A 16 -6.12 -3.51 2.09
N ALA A 17 -5.25 -2.54 1.90
CA ALA A 17 -3.82 -2.82 1.77
C ALA A 17 -3.25 -3.40 3.07
N VAL A 18 -3.68 -2.86 4.22
CA VAL A 18 -3.25 -3.40 5.49
C VAL A 18 -3.70 -4.86 5.62
N GLU A 19 -4.99 -5.16 5.50
N GLU A 19 -4.98 -5.10 5.22
CA GLU A 19 -5.40 -6.58 5.49
CA GLU A 19 -5.51 -6.48 5.41
C GLU A 19 -4.50 -7.41 4.61
C GLU A 19 -4.72 -7.47 4.55
N PHE A 20 -4.34 -6.99 3.34
CA PHE A 20 -3.48 -7.74 2.41
C PHE A 20 -2.12 -8.04 3.03
N LEU A 21 -1.44 -6.99 3.50
CA LEU A 21 -0.07 -7.14 3.98
C LEU A 21 0.04 -8.05 5.20
N LEU A 22 -1.03 -8.15 5.97
CA LEU A 22 -1.08 -9.00 7.17
C LEU A 22 -1.19 -10.45 6.86
N ASP A 23 -1.66 -10.83 5.70
CA ASP A 23 -1.82 -12.27 5.37
C ASP A 23 -0.47 -12.99 5.51
N SER A 24 -0.49 -14.20 6.08
CA SER A 24 0.75 -14.89 6.35
C SER A 24 1.60 -15.24 5.16
N ARG A 25 0.87 -15.50 4.00
CA ARG A 25 1.58 -15.79 2.74
C ARG A 25 2.19 -14.52 2.15
N VAL A 26 1.45 -13.41 2.30
CA VAL A 26 1.86 -12.09 1.84
C VAL A 26 3.05 -11.60 2.63
N ARG A 27 3.05 -11.87 3.96
CA ARG A 27 4.24 -11.52 4.79
C ARG A 27 5.51 -12.21 4.23
N ARG A 28 5.41 -13.36 3.58
N ARG A 28 5.30 -13.39 3.66
CA ARG A 28 6.56 -14.09 3.07
CA ARG A 28 6.36 -14.20 3.07
C ARG A 28 6.80 -13.78 1.58
C ARG A 28 6.92 -13.61 1.70
N THR A 29 6.15 -12.75 1.06
CA THR A 29 6.36 -12.27 -0.29
C THR A 29 7.27 -11.05 -0.27
N PRO A 30 8.20 -10.91 -1.18
CA PRO A 30 9.11 -9.74 -1.15
C PRO A 30 8.39 -8.41 -1.33
N THR A 31 9.02 -7.37 -0.74
CA THR A 31 8.50 -6.02 -0.77
C THR A 31 8.19 -5.55 -2.18
N SER A 32 9.09 -5.76 -3.13
CA SER A 32 8.87 -5.21 -4.44
CA SER A 32 8.87 -5.17 -4.44
C SER A 32 7.60 -5.70 -5.08
N SER A 33 7.37 -7.00 -5.03
CA SER A 33 6.17 -7.60 -5.59
CA SER A 33 6.12 -7.49 -5.69
C SER A 33 4.89 -7.00 -5.00
N LYS A 34 4.91 -6.83 -3.67
CA LYS A 34 3.77 -6.28 -2.97
C LYS A 34 3.54 -4.81 -3.35
N VAL A 35 4.59 -4.04 -3.51
CA VAL A 35 4.45 -2.64 -3.89
C VAL A 35 3.82 -2.52 -5.29
N HIS A 36 4.36 -3.28 -6.25
CA HIS A 36 3.75 -3.27 -7.61
C HIS A 36 2.31 -3.71 -7.58
N PHE A 37 2.00 -4.76 -6.81
CA PHE A 37 0.64 -5.19 -6.71
C PHE A 37 -0.27 -4.09 -6.11
N LEU A 38 0.20 -3.40 -5.09
CA LEU A 38 -0.64 -2.34 -4.51
C LEU A 38 -0.89 -1.21 -5.48
N LYS A 39 0.13 -0.88 -6.31
CA LYS A 39 -0.13 0.08 -7.42
C LYS A 39 -1.29 -0.39 -8.31
N SER A 40 -1.31 -1.71 -8.62
CA SER A 40 -2.36 -2.28 -9.47
C SER A 40 -3.73 -2.27 -8.78
N LYS A 41 -3.82 -2.06 -7.48
CA LYS A 41 -5.11 -1.92 -6.77
CA LYS A 41 -5.01 -1.93 -6.73
C LYS A 41 -5.41 -0.46 -6.53
N GLY A 42 -4.66 0.47 -7.10
CA GLY A 42 -5.01 1.85 -7.09
C GLY A 42 -4.34 2.74 -6.09
N LEU A 43 -3.42 2.17 -5.28
CA LEU A 43 -2.79 3.00 -4.22
C LEU A 43 -1.71 3.87 -4.82
N SER A 44 -1.63 5.13 -4.30
CA SER A 44 -0.46 6.00 -4.59
C SER A 44 0.72 5.52 -3.78
N ALA A 45 1.91 6.03 -4.14
CA ALA A 45 3.11 5.72 -3.42
C ALA A 45 2.94 6.05 -1.91
N GLU A 46 2.35 7.23 -1.61
CA GLU A 46 2.22 7.60 -0.25
CA GLU A 46 2.07 7.68 -0.24
C GLU A 46 1.27 6.65 0.51
N GLU A 47 0.19 6.22 -0.11
CA GLU A 47 -0.73 5.27 0.51
C GLU A 47 -0.06 3.94 0.75
N ILE A 48 0.77 3.46 -0.21
CA ILE A 48 1.53 2.22 0.00
C ILE A 48 2.48 2.35 1.17
N CYS A 49 3.17 3.49 1.23
CA CYS A 49 4.04 3.77 2.37
C CYS A 49 3.27 3.68 3.68
N GLU A 50 2.12 4.30 3.75
CA GLU A 50 1.26 4.29 4.93
CA GLU A 50 1.34 4.27 5.00
C GLU A 50 0.92 2.85 5.35
N ALA A 51 0.50 2.04 4.39
CA ALA A 51 0.12 0.68 4.68
C ALA A 51 1.27 -0.13 5.30
N PHE A 52 2.44 -0.01 4.67
CA PHE A 52 3.62 -0.73 5.22
C PHE A 52 3.93 -0.29 6.63
N THR A 53 3.84 1.03 6.93
CA THR A 53 4.05 1.49 8.30
C THR A 53 3.00 0.91 9.25
N LYS A 54 1.73 0.90 8.83
CA LYS A 54 0.63 0.43 9.66
CA LYS A 54 0.80 0.41 9.77
C LYS A 54 0.89 -1.02 10.17
N VAL A 55 1.49 -1.85 9.34
CA VAL A 55 1.73 -3.25 9.69
C VAL A 55 3.12 -3.47 10.23
N GLY A 56 3.83 -2.39 10.59
CA GLY A 56 5.10 -2.55 11.24
C GLY A 56 6.24 -3.04 10.38
N GLN A 57 6.10 -2.77 9.05
CA GLN A 57 7.15 -3.12 8.12
C GLN A 57 7.51 -1.85 7.36
N PRO A 58 7.89 -0.77 8.10
CA PRO A 58 8.07 0.52 7.42
C PRO A 58 9.14 0.47 6.36
N LYS A 59 8.83 1.18 5.26
CA LYS A 59 9.71 1.51 4.17
C LYS A 59 9.76 3.00 4.03
N THR A 60 10.86 3.57 3.59
CA THR A 60 10.83 4.98 3.28
C THR A 60 9.99 5.24 2.07
N LEU A 61 9.41 6.48 1.99
CA LEU A 61 8.72 6.82 0.76
C LEU A 61 9.63 6.80 -0.43
N ASN A 62 10.88 7.21 -0.24
CA ASN A 62 11.85 7.13 -1.33
C ASN A 62 12.06 5.70 -1.85
N GLU A 63 12.04 4.74 -0.92
N GLU A 63 12.09 4.74 -0.94
N GLU A 63 12.16 4.66 -1.00
CA GLU A 63 12.21 3.34 -1.28
CA GLU A 63 12.23 3.33 -1.31
CA GLU A 63 12.28 3.27 -1.57
C GLU A 63 11.05 2.84 -2.11
C GLU A 63 11.07 2.86 -2.13
C GLU A 63 11.00 2.86 -2.29
N ILE A 64 9.84 3.21 -1.71
CA ILE A 64 8.58 2.86 -2.40
CA ILE A 64 8.67 2.83 -2.47
C ILE A 64 8.65 3.45 -3.88
N LYS A 65 8.99 4.78 -3.95
CA LYS A 65 9.08 5.48 -5.22
CA LYS A 65 9.01 5.41 -5.27
C LYS A 65 10.10 4.81 -6.13
N ARG A 66 11.23 4.42 -5.57
CA ARG A 66 12.26 3.76 -6.35
C ARG A 66 11.74 2.48 -6.95
N ILE A 67 11.07 1.67 -6.13
CA ILE A 67 10.50 0.40 -6.65
C ILE A 67 9.54 0.67 -7.82
N LEU A 68 8.71 1.71 -7.68
CA LEU A 68 7.68 1.99 -8.67
C LEU A 68 8.19 2.68 -9.94
N SER A 69 9.42 3.13 -9.93
CA SER A 69 9.98 3.90 -11.03
C SER A 69 10.28 3.16 -12.30
C8 FTW B . -7.53 -1.49 -2.88
C5 FTW B . -9.12 -3.81 -3.06
C6 FTW B . -9.59 -2.56 -3.46
N1 FTW B . -7.59 -7.45 -1.24
C2 FTW B . -8.15 -6.38 -2.05
N3 FTW B . -6.08 -10.46 1.08
C4 FTW B . -7.82 -3.91 -2.50
O1 FTW B . -6.40 -8.39 -2.92
C1 FTW B . -6.77 -8.40 -1.74
C3 FTW B . -7.28 -5.15 -2.03
C7 FTW B . -8.80 -1.39 -3.36
C9 FTW B . -7.00 -2.72 -2.42
C10 FTW B . -5.71 -2.83 -1.91
C11 FTW B . -5.24 -4.03 -1.51
C12 FTW B . -6.01 -5.16 -1.54
C13 FTW B . -6.30 -9.39 -0.80
N2 FTW B . -6.63 -9.34 0.51
C14 FTW B . -6.25 -10.73 2.49
C14 FTW B . -6.27 -10.72 2.49
C15 FTW B . -7.54 -10.30 3.07
C15 FTW B . -7.47 -10.04 3.13
N4 FTW B . -8.68 -10.95 2.55
N4 FTW B . -8.64 -10.77 2.88
C16 FTW B . -9.97 -10.28 2.87
C16 FTW B . -9.94 -10.05 3.01
C17 FTW B . -10.93 -11.37 3.08
C17 FTW B . -10.15 -9.27 4.31
C18 FTW B . -10.34 -9.41 1.68
C18 FTW B . -10.23 -9.11 1.85
C19 FTW B . -10.02 -9.36 4.24
C19 FTW B . -10.84 -11.17 2.79
O2 FTW B . -9.76 -10.13 5.43
O2 FTW B . -10.65 -11.77 1.52
C20 FTW B . -5.39 -11.19 0.15
C21 FTW B . -5.53 -10.54 -1.08
C22 FTW B . -4.87 -11.06 -2.32
N5 FTW B . -4.49 -12.46 -2.13
C23 FTW B . -3.75 -12.99 -3.30
C24 FTW B . -2.33 -12.49 -3.52
C25 FTW B . -2.15 -11.38 -4.25
C26 FTW B . -0.93 -10.75 -4.45
C27 FTW B . 0.19 -11.27 -3.80
O3 FTW B . 1.47 -10.79 -3.90
C28 FTW B . 1.72 -9.57 -4.61
C29 FTW B . 0.07 -12.47 -3.01
C30 FTW B . -1.19 -13.10 -2.89
C31 FTW B . -1.26 -14.32 -2.16
C32 FTW B . -0.16 -14.82 -1.51
C33 FTW B . 1.08 -14.18 -1.61
C34 FTW B . 1.21 -13.05 -2.37
C35 FTW B . -3.79 -12.70 -0.82
C36 FTW B . -4.68 -12.46 0.38
C1 BME C . 4.13 8.41 3.44
C2 BME C . 4.79 8.01 4.64
O1 BME C . 4.16 9.83 3.31
S2 BME C . 4.97 6.23 4.93
C1 BME D . 6.68 10.60 10.20
C2 BME D . 5.81 9.55 10.86
O1 BME D . 7.98 10.42 10.73
S2 BME D . 4.14 10.22 10.84
C1 BME E . 12.47 3.74 7.60
C2 BME E . 12.02 2.27 7.54
O1 BME E . 11.17 4.39 7.73
S2 BME E . 13.08 1.41 6.38
CL CL F . -4.62 -0.36 10.72
CL CL G . -1.77 -10.77 12.16
CL CL H . 13.14 1.52 3.32
CL CL I . 10.57 -9.10 4.77
#